data_8HXU
#
_entry.id   8HXU
#
_cell.length_a   46.078
_cell.length_b   90.448
_cell.length_c   126.573
_cell.angle_alpha   90.00
_cell.angle_beta   90.00
_cell.angle_gamma   90.00
#
_symmetry.space_group_name_H-M   'P 21 21 21'
#
loop_
_entity.id
_entity.type
_entity.pdbx_description
1 polymer 'Beta-lactamase class B VIM-2'
2 non-polymer 'ZINC ION'
3 non-polymer '2-azanyl-5-pentyl-1,3-thiazole-4-carboxylic acid'
4 non-polymer 'FORMIC ACID'
5 water water
#
_entity_poly.entity_id   1
_entity_poly.type   'polypeptide(L)'
_entity_poly.pdbx_seq_one_letter_code
;EYPTVSEIPVGEVRLYQIADGVWSHIATQSFDGAVYPSNGLIVRDGDELLLIDTAWGAKNTAALLAEIEKQIGLPVTRAV
STHFHDDRVGGVDVLRAAGVATYASPSTRRLAEVEGNEIPTHSLEGLSSSGDAVRFGPVELFYPGAAHSTDNLVVYVPSA
SVLYGGCAIYELSRTSAGNVADADLAEWPTSIERIQQHYPEAQFVIPGHGLPGGLDLLKHTTNVVKAHTNR
;
_entity_poly.pdbx_strand_id   A,B
#
loop_
_chem_comp.id
_chem_comp.type
_chem_comp.name
_chem_comp.formula
5Z2 non-polymer '2-azanyl-5-pentyl-1,3-thiazole-4-carboxylic acid' 'C9 H14 N2 O2 S'
FMT non-polymer 'FORMIC ACID' 'C H2 O2'
ZN non-polymer 'ZINC ION' 'Zn 2'
#
# COMPACT_ATOMS: atom_id res chain seq x y z
N GLU A 1 -4.35 -26.28 -6.32
CA GLU A 1 -4.72 -26.98 -7.54
C GLU A 1 -4.77 -25.99 -8.73
N TYR A 2 -4.47 -26.48 -9.93
CA TYR A 2 -4.40 -25.62 -11.10
C TYR A 2 -5.81 -25.13 -11.43
N PRO A 3 -6.01 -23.83 -11.69
CA PRO A 3 -7.38 -23.36 -11.96
C PRO A 3 -7.91 -23.87 -13.28
N THR A 4 -9.21 -24.15 -13.30
CA THR A 4 -9.87 -24.65 -14.48
C THR A 4 -10.83 -23.60 -15.06
N VAL A 5 -11.32 -23.90 -16.27
CA VAL A 5 -11.99 -22.86 -17.06
C VAL A 5 -13.19 -22.30 -16.31
N SER A 6 -13.93 -23.13 -15.59
CA SER A 6 -15.16 -22.67 -14.97
C SER A 6 -14.92 -21.82 -13.74
N GLU A 7 -13.68 -21.78 -13.24
CA GLU A 7 -13.35 -21.05 -12.04
C GLU A 7 -12.77 -19.65 -12.30
N ILE A 8 -12.59 -19.24 -13.55
CA ILE A 8 -12.00 -17.94 -13.86
C ILE A 8 -12.99 -17.16 -14.71
N PRO A 9 -13.69 -16.20 -14.11
CA PRO A 9 -14.56 -15.35 -14.92
C PRO A 9 -13.75 -14.59 -15.97
N VAL A 10 -14.35 -14.40 -17.15
CA VAL A 10 -13.70 -13.59 -18.18
C VAL A 10 -13.45 -12.20 -17.64
N GLY A 11 -12.21 -11.72 -17.79
CA GLY A 11 -11.78 -10.46 -17.18
C GLY A 11 -10.88 -10.58 -15.96
N GLU A 12 -10.78 -11.76 -15.35
CA GLU A 12 -9.89 -12.03 -14.24
C GLU A 12 -8.72 -12.90 -14.70
N VAL A 13 -7.61 -12.80 -13.97
CA VAL A 13 -6.42 -13.60 -14.26
C VAL A 13 -5.93 -14.28 -12.98
N ARG A 14 -5.54 -15.55 -13.09
CA ARG A 14 -4.84 -16.26 -12.04
C ARG A 14 -3.36 -16.44 -12.36
N LEU A 15 -2.53 -16.43 -11.30
CA LEU A 15 -1.11 -16.79 -11.35
C LEU A 15 -0.89 -18.10 -10.61
N TYR A 16 -0.08 -18.98 -11.18
CA TYR A 16 0.18 -20.28 -10.58
C TYR A 16 1.69 -20.48 -10.55
N GLN A 17 2.23 -20.70 -9.36
CA GLN A 17 3.67 -20.89 -9.19
C GLN A 17 4.06 -22.31 -9.59
N ILE A 18 4.92 -22.41 -10.60
CA ILE A 18 5.44 -23.70 -11.05
C ILE A 18 6.72 -24.05 -10.30
N ALA A 19 7.63 -23.09 -10.18
CA ALA A 19 8.89 -23.28 -9.47
C ALA A 19 9.33 -21.94 -8.94
N ASP A 20 10.42 -21.93 -8.17
CA ASP A 20 11.04 -20.67 -7.75
C ASP A 20 11.21 -19.78 -9.00
N GLY A 21 10.69 -18.56 -8.93
CA GLY A 21 10.75 -17.63 -10.04
C GLY A 21 10.09 -18.03 -11.35
N VAL A 22 9.16 -19.00 -11.37
CA VAL A 22 8.47 -19.37 -12.60
C VAL A 22 6.99 -19.56 -12.30
N TRP A 23 6.13 -18.81 -13.00
CA TRP A 23 4.68 -18.89 -12.85
C TRP A 23 4.01 -19.06 -14.21
N SER A 24 2.82 -19.66 -14.22
CA SER A 24 1.93 -19.52 -15.37
C SER A 24 0.87 -18.48 -15.01
N HIS A 25 0.35 -17.83 -16.04
CA HIS A 25 -0.83 -17.00 -15.92
C HIS A 25 -1.97 -17.64 -16.71
N ILE A 26 -3.15 -17.62 -16.12
CA ILE A 26 -4.31 -18.31 -16.65
C ILE A 26 -5.43 -17.27 -16.81
N ALA A 27 -5.99 -17.18 -18.01
CA ALA A 27 -7.11 -16.28 -18.30
C ALA A 27 -8.15 -17.06 -19.08
N THR A 28 -9.29 -16.40 -19.40
CA THR A 28 -10.40 -17.04 -20.09
C THR A 28 -11.01 -16.03 -21.06
N GLN A 29 -11.50 -16.53 -22.18
CA GLN A 29 -12.05 -15.64 -23.19
C GLN A 29 -12.93 -16.45 -24.13
N SER A 30 -13.76 -15.77 -24.94
CA SER A 30 -14.63 -16.48 -25.87
C SER A 30 -13.98 -16.69 -27.23
N PHE A 31 -14.25 -17.85 -27.82
CA PHE A 31 -13.86 -18.17 -29.20
C PHE A 31 -14.95 -19.05 -29.80
N ASP A 32 -15.68 -18.53 -30.78
CA ASP A 32 -16.60 -19.35 -31.57
C ASP A 32 -17.75 -19.90 -30.72
N GLY A 33 -18.30 -19.07 -29.84
CA GLY A 33 -19.44 -19.46 -29.04
C GLY A 33 -19.17 -20.18 -27.74
N ALA A 34 -17.91 -20.50 -27.40
CA ALA A 34 -17.60 -21.03 -26.07
C ALA A 34 -16.47 -20.23 -25.44
N VAL A 35 -16.32 -20.36 -24.09
CA VAL A 35 -15.20 -19.78 -23.34
C VAL A 35 -14.18 -20.87 -23.04
N TYR A 36 -12.91 -20.52 -23.18
CA TYR A 36 -11.76 -21.42 -23.08
C TYR A 36 -10.71 -20.82 -22.15
N PRO A 37 -9.98 -21.64 -21.41
CA PRO A 37 -8.84 -21.12 -20.64
C PRO A 37 -7.62 -20.97 -21.55
N SER A 38 -6.66 -20.15 -21.10
CA SER A 38 -5.45 -19.92 -21.85
C SER A 38 -4.32 -19.63 -20.88
N ASN A 39 -3.12 -20.19 -21.19
CA ASN A 39 -1.93 -20.14 -20.34
C ASN A 39 -0.89 -19.23 -20.96
N GLY A 40 -0.16 -18.53 -20.11
CA GLY A 40 1.13 -17.98 -20.48
C GLY A 40 2.16 -18.23 -19.41
N LEU A 41 3.35 -17.64 -19.56
CA LEU A 41 4.44 -17.81 -18.60
C LEU A 41 4.93 -16.47 -18.04
N ILE A 42 5.45 -16.53 -16.81
CA ILE A 42 6.15 -15.43 -16.16
C ILE A 42 7.44 -15.99 -15.54
N VAL A 43 8.60 -15.35 -15.85
CA VAL A 43 9.93 -15.84 -15.40
C VAL A 43 10.71 -14.68 -14.75
N ARG A 44 11.19 -14.89 -13.52
CA ARG A 44 12.04 -13.87 -12.88
C ARG A 44 13.30 -13.67 -13.70
N ASP A 45 13.62 -12.40 -13.96
CA ASP A 45 14.76 -11.98 -14.77
C ASP A 45 15.56 -10.97 -13.93
N GLY A 46 16.24 -11.48 -12.91
CA GLY A 46 16.99 -10.55 -12.08
C GLY A 46 16.03 -9.78 -11.19
N ASP A 47 16.05 -8.46 -11.28
CA ASP A 47 15.04 -7.65 -10.61
C ASP A 47 13.82 -7.34 -11.47
N GLU A 48 13.71 -7.94 -12.66
CA GLU A 48 12.63 -7.70 -13.60
C GLU A 48 11.89 -9.00 -13.88
N LEU A 49 10.75 -8.90 -14.57
CA LEU A 49 10.02 -10.08 -15.06
C LEU A 49 10.01 -10.16 -16.57
N LEU A 50 10.15 -11.36 -17.09
CA LEU A 50 9.89 -11.66 -18.49
C LEU A 50 8.52 -12.32 -18.60
N LEU A 51 7.67 -11.75 -19.44
CA LEU A 51 6.34 -12.28 -19.75
C LEU A 51 6.40 -13.06 -21.06
N ILE A 52 5.85 -14.27 -21.07
CA ILE A 52 5.61 -15.02 -22.29
C ILE A 52 4.10 -15.00 -22.55
N ASP A 53 3.70 -14.34 -23.63
CA ASP A 53 2.34 -14.22 -24.17
C ASP A 53 1.39 -13.36 -23.33
N THR A 54 0.43 -12.75 -24.00
CA THR A 54 -0.57 -11.91 -23.35
C THR A 54 -1.59 -12.79 -22.61
N ALA A 55 -2.54 -12.20 -21.92
CA ALA A 55 -3.59 -12.99 -21.30
C ALA A 55 -4.87 -13.10 -22.18
N TRP A 56 -4.74 -12.94 -23.51
CA TRP A 56 -5.79 -13.07 -24.52
C TRP A 56 -6.77 -11.90 -24.48
N GLY A 57 -6.28 -10.74 -24.91
CA GLY A 57 -7.08 -9.53 -25.05
C GLY A 57 -6.62 -8.44 -24.09
N ALA A 58 -7.11 -7.23 -24.37
CA ALA A 58 -6.66 -6.02 -23.68
C ALA A 58 -7.12 -6.01 -22.23
N LYS A 59 -8.41 -6.23 -22.00
CA LYS A 59 -8.93 -6.23 -20.64
C LYS A 59 -8.24 -7.32 -19.78
N ASN A 60 -8.11 -8.53 -20.31
CA ASN A 60 -7.43 -9.59 -19.54
C ASN A 60 -5.97 -9.22 -19.26
N THR A 61 -5.29 -8.63 -20.24
CA THR A 61 -3.87 -8.30 -20.09
C THR A 61 -3.66 -7.18 -19.07
N ALA A 62 -4.56 -6.19 -19.04
CA ALA A 62 -4.52 -5.20 -17.97
C ALA A 62 -4.69 -5.86 -16.61
N ALA A 63 -5.61 -6.82 -16.50
CA ALA A 63 -5.75 -7.51 -15.22
C ALA A 63 -4.54 -8.37 -14.88
N LEU A 64 -3.88 -8.94 -15.91
CA LEU A 64 -2.63 -9.67 -15.71
C LEU A 64 -1.58 -8.78 -15.03
N LEU A 65 -1.34 -7.58 -15.58
CA LEU A 65 -0.40 -6.66 -14.97
C LEU A 65 -0.79 -6.30 -13.56
N ALA A 66 -2.09 -6.14 -13.32
CA ALA A 66 -2.57 -5.80 -11.99
C ALA A 66 -2.27 -6.91 -10.99
N GLU A 67 -2.53 -8.17 -11.36
CA GLU A 67 -2.28 -9.30 -10.47
C GLU A 67 -0.80 -9.47 -10.20
N ILE A 68 0.02 -9.32 -11.25
CA ILE A 68 1.47 -9.43 -11.06
C ILE A 68 1.93 -8.43 -10.01
N GLU A 69 1.48 -7.17 -10.15
CA GLU A 69 1.96 -6.11 -9.28
C GLU A 69 1.56 -6.42 -7.85
N LYS A 70 0.39 -7.00 -7.67
CA LYS A 70 -0.13 -7.30 -6.35
C LYS A 70 0.51 -8.53 -5.73
N GLN A 71 0.71 -9.61 -6.50
CA GLN A 71 1.29 -10.82 -5.94
C GLN A 71 2.82 -10.84 -5.96
N ILE A 72 3.46 -10.28 -6.99
CA ILE A 72 4.90 -10.40 -7.17
C ILE A 72 5.62 -9.05 -6.96
N GLY A 73 5.07 -7.94 -7.45
CA GLY A 73 5.62 -6.62 -7.16
C GLY A 73 6.84 -6.20 -7.95
N LEU A 74 7.34 -7.03 -8.88
CA LEU A 74 8.47 -6.66 -9.73
C LEU A 74 7.96 -6.20 -11.10
N PRO A 75 8.67 -5.31 -11.80
CA PRO A 75 8.15 -4.80 -13.08
C PRO A 75 8.29 -5.81 -14.21
N VAL A 76 7.23 -5.94 -15.02
CA VAL A 76 7.35 -6.58 -16.33
C VAL A 76 8.03 -5.61 -17.27
N THR A 77 9.19 -6.00 -17.80
CA THR A 77 9.95 -5.13 -18.66
C THR A 77 10.03 -5.65 -20.08
N ARG A 78 9.83 -6.93 -20.30
CA ARG A 78 9.87 -7.47 -21.65
C ARG A 78 8.82 -8.56 -21.79
N ALA A 79 8.24 -8.66 -22.99
CA ALA A 79 7.28 -9.71 -23.32
C ALA A 79 7.64 -10.34 -24.67
N VAL A 80 7.45 -11.65 -24.76
CA VAL A 80 7.55 -12.38 -26.01
C VAL A 80 6.20 -13.02 -26.32
N SER A 81 5.69 -12.79 -27.55
CA SER A 81 4.51 -13.51 -28.05
C SER A 81 4.94 -14.71 -28.89
N THR A 82 4.43 -15.90 -28.55
CA THR A 82 4.88 -17.14 -29.19
C THR A 82 4.19 -17.47 -30.54
N HIS A 83 3.10 -16.81 -30.91
CA HIS A 83 2.67 -16.80 -32.32
C HIS A 83 1.69 -15.64 -32.49
N PHE A 84 1.09 -15.53 -33.68
CA PHE A 84 0.47 -14.27 -34.06
C PHE A 84 -1.01 -14.11 -33.68
N HIS A 85 -1.67 -15.15 -33.14
CA HIS A 85 -3.08 -15.12 -32.75
C HIS A 85 -3.34 -14.25 -31.51
N ASP A 86 -4.64 -13.94 -31.29
CA ASP A 86 -5.07 -13.02 -30.23
C ASP A 86 -4.83 -13.55 -28.81
N ASP A 87 -4.71 -14.86 -28.60
CA ASP A 87 -4.36 -15.32 -27.26
C ASP A 87 -2.87 -15.14 -26.97
N ARG A 88 -2.09 -14.58 -27.92
CA ARG A 88 -0.66 -14.36 -27.77
C ARG A 88 -0.22 -12.90 -27.97
N VAL A 89 -0.86 -12.12 -28.85
CA VAL A 89 -0.54 -10.71 -29.03
C VAL A 89 -1.69 -9.81 -28.63
N GLY A 90 -2.89 -10.36 -28.38
CA GLY A 90 -3.99 -9.52 -27.95
C GLY A 90 -3.77 -9.01 -26.54
N GLY A 91 -3.54 -7.71 -26.42
CA GLY A 91 -3.06 -7.10 -25.19
C GLY A 91 -1.72 -6.40 -25.31
N VAL A 92 -1.00 -6.60 -26.43
CA VAL A 92 0.32 -6.00 -26.62
C VAL A 92 0.27 -4.46 -26.53
N ASP A 93 -0.79 -3.84 -27.02
CA ASP A 93 -0.88 -2.39 -26.87
C ASP A 93 -0.97 -1.97 -25.41
N VAL A 94 -1.76 -2.69 -24.63
CA VAL A 94 -1.80 -2.42 -23.19
C VAL A 94 -0.39 -2.55 -22.58
N LEU A 95 0.33 -3.61 -22.93
CA LEU A 95 1.69 -3.79 -22.40
C LEU A 95 2.58 -2.63 -22.82
N ARG A 96 2.55 -2.28 -24.10
CA ARG A 96 3.30 -1.12 -24.58
C ARG A 96 2.94 0.11 -23.74
N ALA A 97 1.65 0.40 -23.61
CA ALA A 97 1.23 1.57 -22.86
C ALA A 97 1.72 1.56 -21.43
N ALA A 98 1.98 0.39 -20.87
CA ALA A 98 2.37 0.29 -19.46
C ALA A 98 3.88 0.29 -19.27
N GLY A 99 4.67 0.31 -20.35
CA GLY A 99 6.11 0.38 -20.29
C GLY A 99 6.85 -0.88 -20.70
N VAL A 100 6.16 -1.90 -21.16
CA VAL A 100 6.78 -3.18 -21.51
C VAL A 100 7.26 -3.13 -22.96
N ALA A 101 8.49 -3.59 -23.19
CA ALA A 101 9.02 -3.78 -24.54
C ALA A 101 8.58 -5.14 -25.09
N THR A 102 7.91 -5.17 -26.23
CA THR A 102 7.33 -6.40 -26.75
C THR A 102 8.09 -6.92 -27.96
N TYR A 103 8.17 -8.25 -28.04
CA TYR A 103 9.00 -8.97 -28.98
C TYR A 103 8.25 -10.14 -29.58
N ALA A 104 8.57 -10.42 -30.84
CA ALA A 104 8.16 -11.63 -31.51
C ALA A 104 9.06 -11.82 -32.72
N SER A 105 9.02 -13.02 -33.30
CA SER A 105 9.84 -13.24 -34.47
C SER A 105 9.31 -12.41 -35.62
N PRO A 106 10.15 -12.14 -36.63
CA PRO A 106 9.68 -11.33 -37.78
C PRO A 106 8.47 -11.93 -38.49
N SER A 107 8.41 -13.27 -38.61
CA SER A 107 7.23 -13.91 -39.18
C SER A 107 5.99 -13.60 -38.36
N THR A 108 6.08 -13.81 -37.04
CA THR A 108 4.93 -13.55 -36.21
C THR A 108 4.44 -12.10 -36.38
N ARG A 109 5.37 -11.13 -36.36
CA ARG A 109 4.98 -9.72 -36.44
C ARG A 109 4.31 -9.41 -37.77
N ARG A 110 4.72 -10.10 -38.83
CA ARG A 110 4.15 -9.90 -40.15
C ARG A 110 2.83 -10.65 -40.28
N LEU A 111 2.74 -11.85 -39.72
CA LEU A 111 1.48 -12.58 -39.80
C LEU A 111 0.39 -11.92 -38.96
N ALA A 112 0.78 -11.23 -37.87
CA ALA A 112 -0.16 -10.45 -37.05
C ALA A 112 -0.56 -9.14 -37.71
N GLU A 113 0.39 -8.44 -38.31
CA GLU A 113 0.03 -7.21 -39.04
C GLU A 113 -0.92 -7.52 -40.17
N VAL A 114 -0.61 -8.57 -40.94
CA VAL A 114 -1.45 -9.02 -42.03
C VAL A 114 -2.88 -9.21 -41.55
N GLU A 115 -3.04 -9.87 -40.40
CA GLU A 115 -4.32 -10.43 -39.94
C GLU A 115 -5.18 -9.45 -39.14
N GLY A 116 -4.80 -8.18 -39.05
CA GLY A 116 -5.48 -7.17 -38.23
C GLY A 116 -5.19 -7.17 -36.72
N ASN A 117 -4.34 -8.06 -36.21
CA ASN A 117 -4.04 -8.15 -34.77
C ASN A 117 -2.93 -7.19 -34.35
N GLU A 118 -2.74 -7.10 -33.04
CA GLU A 118 -1.73 -6.19 -32.50
C GLU A 118 -0.32 -6.71 -32.82
N ILE A 119 0.65 -5.79 -32.88
CA ILE A 119 1.97 -6.07 -33.42
C ILE A 119 3.06 -5.79 -32.38
N PRO A 120 3.74 -6.83 -31.89
CA PRO A 120 4.89 -6.58 -31.02
C PRO A 120 5.90 -5.66 -31.71
N THR A 121 6.58 -4.84 -30.90
CA THR A 121 7.44 -3.78 -31.44
C THR A 121 8.73 -4.31 -32.06
N HIS A 122 9.36 -5.32 -31.45
CA HIS A 122 10.74 -5.70 -31.78
C HIS A 122 10.81 -7.11 -32.32
N SER A 123 11.71 -7.31 -33.29
CA SER A 123 11.87 -8.59 -33.99
C SER A 123 12.91 -9.44 -33.29
N LEU A 124 12.56 -10.68 -33.03
CA LEU A 124 13.52 -11.62 -32.52
C LEU A 124 14.28 -12.22 -33.70
N GLU A 125 15.60 -12.14 -33.64
CA GLU A 125 16.44 -12.71 -34.68
C GLU A 125 16.92 -14.08 -34.25
N GLY A 126 17.28 -14.89 -35.25
CA GLY A 126 17.93 -16.15 -34.96
C GLY A 126 16.99 -17.31 -34.81
N LEU A 127 15.76 -17.18 -35.30
CA LEU A 127 14.76 -18.23 -35.13
C LEU A 127 14.06 -18.57 -36.43
N SER A 128 14.60 -18.15 -37.57
CA SER A 128 13.88 -18.30 -38.83
C SER A 128 14.01 -19.68 -39.44
N SER A 129 14.51 -20.67 -38.70
CA SER A 129 14.70 -21.98 -39.32
C SER A 129 14.45 -23.08 -38.30
N SER A 130 13.68 -24.09 -38.69
CA SER A 130 13.37 -25.19 -37.80
C SER A 130 14.64 -25.69 -37.12
N GLY A 131 14.58 -25.78 -35.81
CA GLY A 131 15.70 -26.21 -35.01
C GLY A 131 16.47 -25.09 -34.34
N ASP A 132 16.37 -23.86 -34.87
CA ASP A 132 17.05 -22.72 -34.27
C ASP A 132 16.67 -22.57 -32.78
N ALA A 133 17.65 -22.15 -31.97
CA ALA A 133 17.45 -21.80 -30.58
C ALA A 133 18.24 -20.54 -30.28
N VAL A 134 17.61 -19.58 -29.58
CA VAL A 134 18.31 -18.39 -29.14
C VAL A 134 18.03 -18.19 -27.66
N ARG A 135 18.97 -17.55 -26.98
CA ARG A 135 18.75 -17.15 -25.60
C ARG A 135 17.99 -15.83 -25.55
N PHE A 136 17.18 -15.67 -24.50
CA PHE A 136 16.50 -14.39 -24.25
C PHE A 136 16.36 -14.30 -22.74
N GLY A 137 17.36 -13.66 -22.11
CA GLY A 137 17.43 -13.58 -20.66
C GLY A 137 17.39 -14.94 -20.01
N PRO A 138 16.48 -15.16 -19.05
CA PRO A 138 16.42 -16.43 -18.33
C PRO A 138 15.81 -17.61 -19.10
N VAL A 139 15.54 -17.53 -20.40
CA VAL A 139 14.86 -18.61 -21.10
C VAL A 139 15.58 -18.87 -22.42
N GLU A 140 15.25 -19.98 -23.04
CA GLU A 140 15.58 -20.27 -24.43
C GLU A 140 14.31 -20.24 -25.27
N LEU A 141 14.35 -19.52 -26.40
CA LEU A 141 13.33 -19.64 -27.44
C LEU A 141 13.78 -20.66 -28.47
N PHE A 142 12.82 -21.43 -28.97
CA PHE A 142 13.07 -22.58 -29.85
C PHE A 142 11.99 -22.65 -30.90
N TYR A 143 12.37 -22.61 -32.18
CA TYR A 143 11.41 -22.79 -33.27
C TYR A 143 11.41 -24.25 -33.72
N PRO A 144 10.31 -24.98 -33.57
CA PRO A 144 10.31 -26.40 -33.89
C PRO A 144 9.88 -26.74 -35.30
N GLY A 145 9.62 -25.75 -36.14
CA GLY A 145 8.89 -25.96 -37.36
C GLY A 145 7.39 -25.81 -37.16
N ALA A 146 6.67 -25.78 -38.28
CA ALA A 146 5.25 -25.50 -38.28
C ALA A 146 4.46 -26.52 -37.46
N ALA A 147 3.40 -26.05 -36.81
CA ALA A 147 2.51 -26.96 -36.11
C ALA A 147 1.13 -26.34 -35.98
N HIS A 148 0.77 -25.89 -34.78
CA HIS A 148 -0.47 -25.14 -34.61
C HIS A 148 -0.49 -23.96 -35.56
N SER A 149 0.67 -23.38 -35.78
CA SER A 149 0.82 -22.38 -36.82
C SER A 149 2.23 -22.55 -37.37
N THR A 150 2.55 -21.77 -38.40
CA THR A 150 3.87 -21.91 -38.97
C THR A 150 4.91 -21.17 -38.17
N ASP A 151 4.50 -20.16 -37.40
CA ASP A 151 5.41 -19.32 -36.65
C ASP A 151 5.58 -19.72 -35.19
N ASN A 152 4.97 -20.82 -34.71
CA ASN A 152 4.90 -21.03 -33.26
C ASN A 152 6.26 -21.34 -32.66
N LEU A 153 6.55 -20.69 -31.52
CA LEU A 153 7.75 -20.90 -30.71
C LEU A 153 7.38 -21.64 -29.43
N VAL A 154 8.35 -22.36 -28.87
CA VAL A 154 8.25 -22.88 -27.52
C VAL A 154 9.35 -22.22 -26.70
N VAL A 155 9.22 -22.37 -25.41
CA VAL A 155 10.03 -21.63 -24.45
C VAL A 155 10.42 -22.60 -23.37
N TYR A 156 11.71 -22.58 -23.01
CA TYR A 156 12.27 -23.47 -22.00
C TYR A 156 12.93 -22.62 -20.91
N VAL A 157 12.65 -22.94 -19.66
CA VAL A 157 13.32 -22.28 -18.54
C VAL A 157 14.40 -23.22 -17.98
N PRO A 158 15.72 -23.03 -18.29
CA PRO A 158 16.75 -23.96 -17.80
C PRO A 158 16.73 -24.17 -16.30
N SER A 159 16.86 -23.08 -15.54
CA SER A 159 16.76 -23.08 -14.09
C SER A 159 15.81 -24.11 -13.52
N ALA A 160 14.76 -24.46 -14.27
CA ALA A 160 13.62 -25.17 -13.69
C ALA A 160 13.17 -26.37 -14.50
N SER A 161 13.70 -26.56 -15.70
CA SER A 161 13.28 -27.65 -16.58
C SER A 161 11.80 -27.52 -16.93
N VAL A 162 11.35 -26.28 -17.13
CA VAL A 162 9.98 -25.97 -17.54
C VAL A 162 9.98 -25.78 -19.04
N LEU A 163 9.16 -26.57 -19.73
CA LEU A 163 8.92 -26.39 -21.15
C LEU A 163 7.53 -25.78 -21.33
N TYR A 164 7.48 -24.63 -22.01
CA TYR A 164 6.21 -24.02 -22.38
C TYR A 164 6.00 -24.28 -23.87
N GLY A 165 5.02 -25.14 -24.19
CA GLY A 165 4.76 -25.53 -25.56
C GLY A 165 3.83 -24.64 -26.31
N GLY A 166 3.15 -23.73 -25.62
CA GLY A 166 2.12 -22.94 -26.27
C GLY A 166 1.11 -23.84 -26.96
N CYS A 167 0.51 -23.30 -28.00
CA CYS A 167 -0.64 -23.92 -28.65
C CYS A 167 -0.27 -25.09 -29.55
N ALA A 168 1.02 -25.37 -29.73
CA ALA A 168 1.50 -26.60 -30.36
C ALA A 168 1.36 -27.85 -29.47
N ILE A 169 1.16 -27.70 -28.16
CA ILE A 169 1.00 -28.81 -27.24
C ILE A 169 -0.41 -28.73 -26.64
N TYR A 170 -1.15 -29.83 -26.73
CA TYR A 170 -2.47 -29.97 -26.16
C TYR A 170 -2.37 -30.54 -24.75
N GLU A 171 -3.39 -30.26 -23.93
CA GLU A 171 -3.47 -30.90 -22.62
C GLU A 171 -3.94 -32.36 -22.75
N LEU A 172 -3.67 -33.16 -21.72
CA LEU A 172 -3.96 -34.61 -21.77
C LEU A 172 -5.43 -34.91 -22.02
N SER A 173 -6.33 -34.16 -21.38
CA SER A 173 -7.76 -34.44 -21.45
C SER A 173 -8.36 -34.09 -22.79
N ARG A 174 -7.61 -33.40 -23.65
CA ARG A 174 -8.13 -32.98 -24.94
C ARG A 174 -7.93 -34.09 -25.96
N THR A 175 -8.99 -34.45 -26.67
CA THR A 175 -8.93 -35.57 -27.59
C THR A 175 -9.32 -35.15 -29.00
N SER A 176 -9.70 -33.90 -29.19
CA SER A 176 -10.02 -33.39 -30.51
C SER A 176 -9.23 -32.13 -30.77
N ALA A 177 -8.89 -31.91 -32.04
CA ALA A 177 -8.21 -30.72 -32.46
C ALA A 177 -9.17 -29.54 -32.56
N GLY A 178 -9.06 -28.75 -33.63
CA GLY A 178 -9.54 -27.39 -33.65
C GLY A 178 -8.76 -26.70 -32.54
N ASN A 179 -8.39 -25.42 -32.69
CA ASN A 179 -8.44 -24.69 -33.93
C ASN A 179 -7.26 -25.08 -34.81
N VAL A 180 -7.55 -25.44 -36.06
CA VAL A 180 -6.49 -25.94 -36.93
C VAL A 180 -6.52 -25.19 -38.23
N ALA A 181 -7.16 -24.03 -38.24
CA ALA A 181 -7.33 -23.35 -39.50
C ALA A 181 -5.99 -22.90 -40.06
N ASP A 182 -5.00 -22.67 -39.18
CA ASP A 182 -3.70 -22.14 -39.57
C ASP A 182 -2.57 -23.13 -39.33
N ALA A 183 -2.90 -24.38 -39.04
CA ALA A 183 -1.95 -25.41 -38.70
C ALA A 183 -1.34 -26.06 -39.95
N ASP A 184 -0.22 -26.76 -39.74
CA ASP A 184 0.39 -27.64 -40.72
C ASP A 184 0.29 -29.04 -40.12
N LEU A 185 -0.81 -29.73 -40.43
CA LEU A 185 -1.02 -31.04 -39.84
C LEU A 185 -0.01 -32.05 -40.35
N ALA A 186 0.64 -31.75 -41.49
CA ALA A 186 1.75 -32.55 -42.02
C ALA A 186 2.95 -32.46 -41.10
N GLU A 187 3.57 -31.28 -41.06
CA GLU A 187 4.79 -31.08 -40.27
C GLU A 187 4.58 -31.33 -38.77
N TRP A 188 3.35 -31.26 -38.28
CA TRP A 188 3.12 -31.09 -36.83
C TRP A 188 3.73 -32.22 -35.99
N PRO A 189 3.52 -33.50 -36.28
CA PRO A 189 4.16 -34.53 -35.45
C PRO A 189 5.69 -34.45 -35.47
N THR A 190 6.26 -33.91 -36.54
CA THR A 190 7.71 -33.84 -36.68
C THR A 190 8.25 -32.76 -35.76
N SER A 191 7.64 -31.58 -35.85
CA SER A 191 7.94 -30.49 -34.92
C SER A 191 7.80 -30.93 -33.48
N ILE A 192 6.80 -31.76 -33.18
CA ILE A 192 6.72 -32.28 -31.81
C ILE A 192 7.95 -33.13 -31.51
N GLU A 193 8.41 -33.90 -32.49
CA GLU A 193 9.59 -34.72 -32.28
C GLU A 193 10.86 -33.87 -32.12
N ARG A 194 11.03 -32.82 -32.93
CA ARG A 194 12.15 -31.91 -32.69
C ARG A 194 12.16 -31.37 -31.26
N ILE A 195 10.99 -31.04 -30.72
CA ILE A 195 10.92 -30.56 -29.34
C ILE A 195 11.42 -31.65 -28.39
N GLN A 196 10.93 -32.88 -28.58
CA GLN A 196 11.37 -34.01 -27.78
C GLN A 196 12.89 -34.17 -27.83
N GLN A 197 13.48 -33.94 -29.00
CA GLN A 197 14.93 -34.12 -29.13
C GLN A 197 15.71 -33.06 -28.35
N HIS A 198 15.21 -31.82 -28.29
CA HIS A 198 15.98 -30.73 -27.71
C HIS A 198 15.82 -30.61 -26.20
N TYR A 199 14.68 -31.02 -25.64
CA TYR A 199 14.39 -30.83 -24.22
C TYR A 199 14.03 -32.14 -23.54
N PRO A 200 14.82 -33.20 -23.75
CA PRO A 200 14.49 -34.48 -23.13
C PRO A 200 14.57 -34.43 -21.64
N GLU A 201 15.13 -33.37 -21.08
CA GLU A 201 15.25 -33.19 -19.64
C GLU A 201 14.03 -32.51 -19.02
N ALA A 202 12.99 -32.23 -19.80
CA ALA A 202 11.88 -31.39 -19.33
C ALA A 202 11.07 -32.12 -18.25
N GLN A 203 10.95 -31.47 -17.09
CA GLN A 203 10.18 -32.00 -15.96
C GLN A 203 8.74 -31.51 -15.90
N PHE A 204 8.42 -30.39 -16.56
CA PHE A 204 7.12 -29.72 -16.44
C PHE A 204 6.79 -29.19 -17.83
N VAL A 205 5.64 -29.56 -18.38
CA VAL A 205 5.26 -29.12 -19.72
C VAL A 205 3.93 -28.40 -19.66
N ILE A 206 3.89 -27.18 -20.19
CA ILE A 206 2.71 -26.32 -20.15
C ILE A 206 2.12 -26.24 -21.56
N PRO A 207 0.89 -26.67 -21.76
CA PRO A 207 0.24 -26.47 -23.04
C PRO A 207 -0.27 -25.04 -23.12
N GLY A 208 -0.64 -24.63 -24.34
CA GLY A 208 -1.22 -23.32 -24.54
C GLY A 208 -2.55 -23.15 -23.82
N HIS A 209 -3.30 -24.23 -23.63
CA HIS A 209 -4.61 -24.22 -22.98
C HIS A 209 -4.77 -25.50 -22.18
N GLY A 210 -5.09 -25.37 -20.89
CA GLY A 210 -5.40 -26.53 -20.06
C GLY A 210 -4.35 -26.80 -19.00
N LEU A 211 -4.44 -27.99 -18.42
CA LEU A 211 -3.64 -28.40 -17.25
C LEU A 211 -2.22 -28.77 -17.66
N PRO A 212 -1.21 -28.38 -16.87
CA PRO A 212 0.16 -28.83 -17.13
C PRO A 212 0.30 -30.34 -16.96
N GLY A 213 1.37 -30.85 -17.58
CA GLY A 213 1.78 -32.24 -17.47
C GLY A 213 3.27 -32.44 -17.74
N GLY A 214 3.63 -33.65 -18.14
CA GLY A 214 5.00 -34.00 -18.44
C GLY A 214 5.23 -34.11 -19.93
N LEU A 215 6.35 -34.74 -20.29
CA LEU A 215 6.66 -34.90 -21.71
C LEU A 215 5.67 -35.82 -22.41
N ASP A 216 4.88 -36.56 -21.66
CA ASP A 216 3.80 -37.34 -22.25
C ASP A 216 2.83 -36.49 -23.06
N LEU A 217 2.76 -35.18 -22.78
CA LEU A 217 1.88 -34.32 -23.56
C LEU A 217 2.32 -34.23 -25.01
N LEU A 218 3.62 -34.44 -25.27
CA LEU A 218 4.09 -34.36 -26.64
C LEU A 218 3.58 -35.55 -27.44
N LYS A 219 3.71 -36.76 -26.88
CA LYS A 219 3.17 -37.96 -27.53
C LYS A 219 1.65 -37.85 -27.69
N HIS A 220 0.96 -37.46 -26.61
CA HIS A 220 -0.49 -37.31 -26.68
C HIS A 220 -0.91 -36.33 -27.76
N THR A 221 -0.24 -35.20 -27.86
CA THR A 221 -0.63 -34.22 -28.88
C THR A 221 -0.50 -34.81 -30.28
N THR A 222 0.61 -35.52 -30.55
CA THR A 222 0.81 -36.15 -31.85
C THR A 222 -0.35 -37.07 -32.22
N ASN A 223 -0.72 -37.99 -31.31
CA ASN A 223 -1.89 -38.82 -31.54
C ASN A 223 -3.10 -37.99 -31.99
N VAL A 224 -3.44 -36.95 -31.21
CA VAL A 224 -4.64 -36.15 -31.53
C VAL A 224 -4.52 -35.53 -32.92
N VAL A 225 -3.35 -34.97 -33.24
CA VAL A 225 -3.16 -34.37 -34.56
C VAL A 225 -3.31 -35.40 -35.67
N LYS A 226 -2.80 -36.61 -35.44
CA LYS A 226 -2.90 -37.65 -36.46
C LYS A 226 -4.31 -38.20 -36.54
N ALA A 227 -4.98 -38.38 -35.39
CA ALA A 227 -6.35 -38.87 -35.39
C ALA A 227 -7.26 -37.94 -36.20
N HIS A 228 -7.03 -36.63 -36.09
CA HIS A 228 -7.76 -35.67 -36.92
C HIS A 228 -7.38 -35.83 -38.38
N THR A 229 -6.11 -36.13 -38.67
CA THR A 229 -5.65 -36.21 -40.05
C THR A 229 -6.28 -37.39 -40.79
N ASN A 230 -6.31 -38.57 -40.17
CA ASN A 230 -6.89 -39.77 -40.76
C ASN A 230 -8.41 -39.75 -40.77
N ARG A 231 -9.05 -38.66 -40.34
CA ARG A 231 -10.50 -38.54 -40.36
C ARG A 231 -10.92 -37.33 -41.19
N GLU B 1 -9.38 13.78 43.77
CA GLU B 1 -10.05 13.11 42.65
C GLU B 1 -10.13 14.02 41.41
N TYR B 2 -9.79 13.46 40.26
CA TYR B 2 -9.71 14.27 39.04
C TYR B 2 -11.09 14.74 38.64
N PRO B 3 -11.28 16.03 38.34
CA PRO B 3 -12.62 16.48 38.00
C PRO B 3 -13.08 15.92 36.64
N THR B 4 -14.36 15.54 36.57
CA THR B 4 -14.96 15.01 35.34
C THR B 4 -15.90 16.04 34.72
N VAL B 5 -16.37 15.70 33.51
CA VAL B 5 -17.06 16.67 32.66
C VAL B 5 -18.32 17.22 33.35
N SER B 6 -19.06 16.37 34.06
CA SER B 6 -20.32 16.85 34.65
C SER B 6 -20.08 17.77 35.84
N GLU B 7 -18.86 17.91 36.33
CA GLU B 7 -18.60 18.70 37.54
C GLU B 7 -18.07 20.10 37.24
N ILE B 8 -17.85 20.44 35.97
CA ILE B 8 -17.24 21.72 35.61
C ILE B 8 -18.22 22.45 34.69
N PRO B 9 -18.92 23.46 35.19
CA PRO B 9 -19.81 24.21 34.30
C PRO B 9 -18.99 24.92 33.23
N VAL B 10 -19.58 25.06 32.04
CA VAL B 10 -18.92 25.77 30.96
C VAL B 10 -18.68 27.22 31.37
N GLY B 11 -17.44 27.67 31.24
CA GLY B 11 -16.99 28.96 31.75
C GLY B 11 -16.09 28.88 32.99
N GLU B 12 -16.02 27.74 33.67
CA GLU B 12 -15.15 27.53 34.83
C GLU B 12 -13.98 26.61 34.47
N VAL B 13 -12.90 26.75 35.23
CA VAL B 13 -11.65 26.02 35.04
C VAL B 13 -11.19 25.48 36.37
N ARG B 14 -10.79 24.23 36.38
CA ARG B 14 -10.17 23.60 37.52
C ARG B 14 -8.69 23.41 37.26
N LEU B 15 -7.90 23.47 38.36
CA LEU B 15 -6.50 23.08 38.38
C LEU B 15 -6.30 21.81 39.21
N TYR B 16 -5.42 20.92 38.75
CA TYR B 16 -5.17 19.65 39.44
C TYR B 16 -3.67 19.41 39.51
N GLN B 17 -3.14 19.33 40.72
CA GLN B 17 -1.70 19.15 40.89
C GLN B 17 -1.31 17.71 40.58
N ILE B 18 -0.42 17.54 39.61
CA ILE B 18 0.05 16.22 39.20
C ILE B 18 1.32 15.83 39.95
N ALA B 19 2.21 16.79 40.15
CA ALA B 19 3.51 16.62 40.79
C ALA B 19 3.98 18.00 41.22
N ASP B 20 5.08 18.04 41.99
CA ASP B 20 5.64 19.33 42.38
C ASP B 20 5.86 20.17 41.13
N GLY B 21 5.21 21.34 41.11
CA GLY B 21 5.40 22.29 40.04
C GLY B 21 4.77 21.90 38.73
N VAL B 22 3.83 20.96 38.72
CA VAL B 22 3.14 20.53 37.52
C VAL B 22 1.66 20.34 37.83
N TRP B 23 0.82 21.05 37.04
CA TRP B 23 -0.63 21.00 37.14
C TRP B 23 -1.22 20.72 35.78
N SER B 24 -2.40 20.09 35.75
CA SER B 24 -3.23 20.15 34.57
C SER B 24 -4.31 21.20 34.81
N HIS B 25 -4.80 21.78 33.72
CA HIS B 25 -6.00 22.60 33.79
C HIS B 25 -7.12 21.92 33.02
N ILE B 26 -8.32 21.93 33.59
CA ILE B 26 -9.46 21.23 33.01
C ILE B 26 -10.59 22.22 32.78
N ALA B 27 -11.15 22.21 31.56
CA ALA B 27 -12.29 23.06 31.17
C ALA B 27 -13.30 22.25 30.36
N THR B 28 -14.40 22.89 29.99
CA THR B 28 -15.47 22.22 29.27
C THR B 28 -16.03 23.15 28.20
N GLN B 29 -16.53 22.57 27.10
CA GLN B 29 -17.03 23.35 25.98
C GLN B 29 -17.91 22.49 25.05
N SER B 30 -18.77 23.15 24.27
CA SER B 30 -19.67 22.39 23.40
C SER B 30 -18.94 22.05 22.10
N PHE B 31 -19.14 20.81 21.63
CA PHE B 31 -18.70 20.42 20.29
C PHE B 31 -19.72 19.44 19.69
N ASP B 32 -20.35 19.82 18.58
CA ASP B 32 -21.30 18.96 17.89
C ASP B 32 -22.48 18.57 18.78
N GLY B 33 -23.08 19.56 19.44
CA GLY B 33 -24.24 19.35 20.26
C GLY B 33 -24.03 18.69 21.62
N ALA B 34 -22.81 18.35 21.99
CA ALA B 34 -22.48 17.84 23.32
C ALA B 34 -21.34 18.67 23.94
N VAL B 35 -21.25 18.63 25.28
CA VAL B 35 -20.17 19.27 26.03
C VAL B 35 -19.12 18.24 26.42
N TYR B 36 -17.84 18.63 26.24
CA TYR B 36 -16.71 17.75 26.50
C TYR B 36 -15.70 18.40 27.46
N PRO B 37 -15.00 17.60 28.25
CA PRO B 37 -13.91 18.17 29.05
C PRO B 37 -12.63 18.25 28.22
N SER B 38 -11.75 19.18 28.58
CA SER B 38 -10.47 19.33 27.87
C SER B 38 -9.37 19.65 28.88
N ASN B 39 -8.22 18.94 28.77
CA ASN B 39 -7.02 19.23 29.57
C ASN B 39 -5.94 20.04 28.85
N GLY B 40 -5.16 20.75 29.66
CA GLY B 40 -3.89 21.29 29.25
C GLY B 40 -2.93 21.19 30.41
N LEU B 41 -1.74 21.85 30.35
CA LEU B 41 -0.71 21.72 31.36
C LEU B 41 -0.21 23.08 31.81
N ILE B 42 0.24 23.14 33.07
CA ILE B 42 0.93 24.30 33.63
C ILE B 42 2.19 23.75 34.30
N VAL B 43 3.34 24.40 34.06
CA VAL B 43 4.63 23.96 34.61
C VAL B 43 5.39 25.17 35.15
N ARG B 44 5.88 25.06 36.39
CA ARG B 44 6.72 26.11 36.97
C ARG B 44 7.98 26.31 36.09
N ASP B 45 8.26 27.58 35.76
CA ASP B 45 9.38 28.00 34.89
C ASP B 45 10.20 29.01 35.71
N GLY B 46 10.93 28.49 36.68
CA GLY B 46 11.60 29.37 37.61
C GLY B 46 10.64 30.16 38.47
N ASP B 47 10.67 31.49 38.33
CA ASP B 47 9.74 32.38 39.02
C ASP B 47 8.51 32.71 38.16
N GLU B 48 8.34 32.02 37.03
CA GLU B 48 7.26 32.20 36.07
C GLU B 48 6.56 30.86 35.82
N LEU B 49 5.48 30.90 35.06
CA LEU B 49 4.79 29.69 34.62
C LEU B 49 4.82 29.62 33.11
N LEU B 50 4.98 28.41 32.59
CA LEU B 50 4.74 28.05 31.20
C LEU B 50 3.38 27.37 31.08
N LEU B 51 2.55 27.85 30.15
CA LEU B 51 1.23 27.27 29.85
C LEU B 51 1.34 26.37 28.63
N ILE B 52 0.80 25.16 28.72
CA ILE B 52 0.59 24.33 27.55
C ILE B 52 -0.90 24.35 27.23
N ASP B 53 -1.25 24.95 26.08
CA ASP B 53 -2.57 24.97 25.48
C ASP B 53 -3.57 25.87 26.20
N THR B 54 -4.50 26.46 25.44
CA THR B 54 -5.57 27.25 25.99
C THR B 54 -6.58 26.36 26.70
N ALA B 55 -7.57 26.97 27.36
CA ALA B 55 -8.66 26.23 27.99
C ALA B 55 -9.89 26.15 27.10
N TRP B 56 -9.69 26.20 25.76
CA TRP B 56 -10.70 25.95 24.74
C TRP B 56 -11.71 27.11 24.70
N GLY B 57 -11.25 28.27 24.28
CA GLY B 57 -12.11 29.40 24.08
C GLY B 57 -11.69 30.58 24.92
N ALA B 58 -12.19 31.76 24.56
CA ALA B 58 -11.70 32.98 25.16
C ALA B 58 -12.19 33.11 26.61
N LYS B 59 -13.48 32.88 26.84
CA LYS B 59 -14.01 32.92 28.20
C LYS B 59 -13.33 31.90 29.11
N ASN B 60 -13.23 30.65 28.68
CA ASN B 60 -12.52 29.66 29.51
C ASN B 60 -11.08 30.07 29.78
N THR B 61 -10.37 30.55 28.77
CA THR B 61 -8.99 30.95 28.97
C THR B 61 -8.86 32.10 29.96
N ALA B 62 -9.81 33.02 29.98
CA ALA B 62 -9.82 34.08 30.99
C ALA B 62 -9.99 33.53 32.39
N ALA B 63 -10.85 32.53 32.54
CA ALA B 63 -11.04 31.96 33.86
C ALA B 63 -9.81 31.16 34.24
N LEU B 64 -9.11 30.59 33.26
CA LEU B 64 -7.85 29.89 33.51
C LEU B 64 -6.84 30.82 34.18
N LEU B 65 -6.65 32.01 33.61
CA LEU B 65 -5.70 32.97 34.15
C LEU B 65 -6.10 33.42 35.55
N ALA B 66 -7.39 33.67 35.77
CA ALA B 66 -7.86 34.03 37.10
C ALA B 66 -7.58 32.94 38.13
N GLU B 67 -7.86 31.68 37.80
CA GLU B 67 -7.64 30.60 38.77
C GLU B 67 -6.15 30.39 39.03
N ILE B 68 -5.33 30.49 37.98
CA ILE B 68 -3.88 30.45 38.17
C ILE B 68 -3.44 31.50 39.20
N GLU B 69 -3.90 32.73 39.04
CA GLU B 69 -3.47 33.80 39.92
C GLU B 69 -3.93 33.55 41.35
N LYS B 70 -5.17 33.08 41.51
CA LYS B 70 -5.71 32.82 42.84
C LYS B 70 -4.98 31.65 43.52
N GLN B 71 -4.68 30.59 42.78
CA GLN B 71 -4.15 29.38 43.39
C GLN B 71 -2.64 29.26 43.42
N ILE B 72 -1.94 29.78 42.41
CA ILE B 72 -0.50 29.63 42.29
C ILE B 72 0.23 30.96 42.52
N GLY B 73 -0.27 32.04 41.91
CA GLY B 73 0.27 33.36 42.18
C GLY B 73 1.54 33.71 41.48
N LEU B 74 1.96 32.95 40.52
CA LEU B 74 3.09 33.30 39.70
C LEU B 74 2.59 33.67 38.29
N PRO B 75 3.30 34.53 37.58
CA PRO B 75 2.82 35.03 36.28
C PRO B 75 3.01 34.02 35.15
N VAL B 76 2.02 33.96 34.27
CA VAL B 76 2.13 33.14 33.07
C VAL B 76 2.85 34.00 32.04
N THR B 77 4.06 33.62 31.65
CA THR B 77 4.82 34.45 30.74
C THR B 77 4.91 33.89 29.33
N ARG B 78 4.75 32.58 29.14
CA ARG B 78 4.80 31.98 27.82
C ARG B 78 3.76 30.87 27.75
N ALA B 79 3.26 30.63 26.53
CA ALA B 79 2.31 29.55 26.26
C ALA B 79 2.70 28.85 24.95
N VAL B 80 2.47 27.55 24.91
CA VAL B 80 2.66 26.72 23.73
C VAL B 80 1.34 26.04 23.39
N SER B 81 0.93 26.11 22.11
CA SER B 81 -0.23 25.38 21.58
C SER B 81 0.19 24.11 20.85
N THR B 82 -0.34 22.94 21.23
CA THR B 82 0.16 21.68 20.71
C THR B 82 -0.50 21.20 19.40
N HIS B 83 -1.60 21.83 18.94
CA HIS B 83 -1.99 21.77 17.54
C HIS B 83 -2.95 22.92 17.28
N PHE B 84 -3.53 22.95 16.07
CA PHE B 84 -4.20 24.15 15.56
C PHE B 84 -5.70 24.23 15.90
N HIS B 85 -6.30 23.21 16.52
CA HIS B 85 -7.73 23.25 16.84
C HIS B 85 -8.05 24.25 17.96
N ASP B 86 -9.36 24.57 18.08
CA ASP B 86 -9.87 25.56 19.02
C ASP B 86 -9.60 25.22 20.48
N ASP B 87 -9.46 23.93 20.83
CA ASP B 87 -9.18 23.56 22.22
C ASP B 87 -7.71 23.70 22.55
N ARG B 88 -6.91 24.21 21.61
CA ARG B 88 -5.49 24.45 21.82
C ARG B 88 -5.07 25.90 21.52
N VAL B 89 -5.71 26.58 20.57
CA VAL B 89 -5.37 27.97 20.26
C VAL B 89 -6.49 28.94 20.57
N GLY B 90 -7.72 28.46 20.76
CA GLY B 90 -8.82 29.37 21.06
C GLY B 90 -8.62 29.97 22.43
N GLY B 91 -8.48 31.29 22.50
CA GLY B 91 -8.07 31.98 23.71
C GLY B 91 -6.69 32.62 23.60
N VAL B 92 -5.96 32.34 22.52
CA VAL B 92 -4.67 32.98 22.28
C VAL B 92 -4.77 34.51 22.29
N ASP B 93 -5.87 35.09 21.78
CA ASP B 93 -5.92 36.55 21.83
C ASP B 93 -6.08 37.06 23.27
N VAL B 94 -6.85 36.36 24.11
CA VAL B 94 -6.92 36.73 25.53
C VAL B 94 -5.53 36.64 26.19
N LEU B 95 -4.82 35.53 25.96
CA LEU B 95 -3.46 35.38 26.52
C LEU B 95 -2.58 36.57 26.12
N ARG B 96 -2.52 36.87 24.81
CA ARG B 96 -1.74 38.03 24.30
C ARG B 96 -2.15 39.32 25.04
N ALA B 97 -3.43 39.60 25.08
CA ALA B 97 -3.91 40.80 25.77
C ALA B 97 -3.46 40.84 27.21
N ALA B 98 -3.30 39.67 27.83
CA ALA B 98 -2.86 39.58 29.22
C ALA B 98 -1.34 39.73 29.37
N GLY B 99 -0.59 39.71 28.29
CA GLY B 99 0.85 39.82 28.39
C GLY B 99 1.63 38.54 28.23
N VAL B 100 0.97 37.45 27.83
CA VAL B 100 1.64 36.18 27.58
C VAL B 100 2.17 36.14 26.16
N ALA B 101 3.40 35.67 25.99
CA ALA B 101 3.98 35.45 24.68
C ALA B 101 3.57 34.06 24.22
N THR B 102 2.88 33.97 23.06
CA THR B 102 2.33 32.70 22.60
C THR B 102 3.16 32.11 21.47
N TYR B 103 3.24 30.76 21.43
CA TYR B 103 4.12 29.98 20.54
C TYR B 103 3.42 28.76 19.98
N ALA B 104 3.73 28.44 18.73
CA ALA B 104 3.42 27.16 18.13
C ALA B 104 4.43 26.89 17.02
N SER B 105 4.38 25.68 16.49
CA SER B 105 5.24 25.36 15.36
C SER B 105 4.79 26.14 14.13
N PRO B 106 5.69 26.38 13.16
CA PRO B 106 5.24 27.01 11.91
C PRO B 106 4.06 26.30 11.28
N SER B 107 3.99 24.95 11.33
CA SER B 107 2.89 24.24 10.71
C SER B 107 1.58 24.49 11.45
N THR B 108 1.63 24.52 12.79
CA THR B 108 0.44 24.83 13.58
C THR B 108 -0.08 26.24 13.26
N ARG B 109 0.80 27.23 13.21
CA ARG B 109 0.36 28.59 12.91
C ARG B 109 -0.26 28.68 11.52
N ARG B 110 0.24 27.91 10.57
CA ARG B 110 -0.27 28.03 9.21
C ARG B 110 -1.59 27.32 9.09
N LEU B 111 -1.70 26.13 9.67
CA LEU B 111 -2.96 25.41 9.65
C LEU B 111 -4.04 26.18 10.41
N ALA B 112 -3.67 26.84 11.52
CA ALA B 112 -4.64 27.66 12.23
C ALA B 112 -5.16 28.77 11.34
N GLU B 113 -4.26 29.41 10.58
CA GLU B 113 -4.66 30.53 9.73
C GLU B 113 -5.60 30.08 8.62
N VAL B 114 -5.28 28.95 7.97
CA VAL B 114 -6.17 28.38 6.95
C VAL B 114 -7.55 28.07 7.51
N GLU B 115 -7.65 27.76 8.80
CA GLU B 115 -8.91 27.37 9.41
C GLU B 115 -9.70 28.53 9.99
N GLY B 116 -9.13 29.72 10.07
CA GLY B 116 -9.84 30.82 10.72
C GLY B 116 -9.67 30.90 12.22
N ASN B 117 -8.78 30.11 12.80
CA ASN B 117 -8.60 30.11 14.26
C ASN B 117 -7.56 31.16 14.66
N GLU B 118 -7.47 31.40 15.96
CA GLU B 118 -6.46 32.33 16.42
C GLU B 118 -5.07 31.72 16.22
N ILE B 119 -4.09 32.61 16.09
CA ILE B 119 -2.76 32.24 15.61
C ILE B 119 -1.75 32.69 16.65
N PRO B 120 -1.04 31.77 17.30
CA PRO B 120 0.01 32.18 18.23
C PRO B 120 1.03 33.07 17.52
N THR B 121 1.67 33.96 18.29
CA THR B 121 2.52 35.01 17.69
C THR B 121 3.83 34.45 17.12
N HIS B 122 4.50 33.56 17.85
CA HIS B 122 5.89 33.20 17.61
C HIS B 122 6.02 31.77 17.09
N SER B 123 7.00 31.56 16.22
CA SER B 123 7.19 30.24 15.62
C SER B 123 8.25 29.45 16.40
N LEU B 124 7.97 28.17 16.63
CA LEU B 124 8.92 27.30 17.26
C LEU B 124 9.72 26.62 16.17
N GLU B 125 11.02 26.85 16.18
CA GLU B 125 11.95 26.18 15.30
C GLU B 125 12.34 24.81 15.85
N GLY B 126 12.77 23.93 14.97
CA GLY B 126 13.40 22.69 15.39
C GLY B 126 12.48 21.51 15.52
N LEU B 127 11.27 21.60 14.95
CA LEU B 127 10.26 20.56 15.14
C LEU B 127 9.60 20.12 13.83
N SER B 128 10.23 20.40 12.68
CA SER B 128 9.59 20.12 11.39
C SER B 128 9.49 18.62 11.07
N SER B 129 10.29 17.75 11.70
CA SER B 129 10.36 16.36 11.28
C SER B 129 10.01 15.40 12.42
N SER B 130 9.32 14.30 12.06
CA SER B 130 9.08 13.20 12.99
C SER B 130 10.33 12.89 13.80
N GLY B 131 10.15 12.77 15.11
CA GLY B 131 11.24 12.50 16.01
C GLY B 131 12.03 13.72 16.45
N ASP B 132 11.65 14.92 16.04
CA ASP B 132 12.36 16.13 16.44
C ASP B 132 11.99 16.51 17.89
N ALA B 133 12.98 17.00 18.63
CA ALA B 133 12.77 17.35 20.03
C ALA B 133 13.51 18.64 20.34
N VAL B 134 12.84 19.58 21.01
CA VAL B 134 13.50 20.81 21.43
C VAL B 134 13.20 21.06 22.90
N ARG B 135 14.09 21.79 23.55
CA ARG B 135 13.95 22.17 24.96
C ARG B 135 13.30 23.56 25.03
N PHE B 136 12.30 23.71 25.91
CA PHE B 136 11.59 25.00 26.02
C PHE B 136 11.32 25.22 27.51
N GLY B 137 12.22 25.98 28.15
CA GLY B 137 12.27 26.09 29.59
C GLY B 137 12.29 24.76 30.32
N PRO B 138 11.32 24.53 31.21
CA PRO B 138 11.31 23.29 32.01
C PRO B 138 10.72 22.08 31.31
N VAL B 139 10.50 22.09 30.00
CA VAL B 139 9.88 20.95 29.36
C VAL B 139 10.66 20.61 28.10
N GLU B 140 10.36 19.45 27.57
CA GLU B 140 10.79 19.11 26.23
C GLU B 140 9.56 19.04 25.33
N LEU B 141 9.63 19.71 24.18
CA LEU B 141 8.62 19.58 23.12
C LEU B 141 9.09 18.54 22.10
N PHE B 142 8.13 17.77 21.58
CA PHE B 142 8.42 16.60 20.76
C PHE B 142 7.36 16.46 19.68
N TYR B 143 7.81 16.40 18.42
CA TYR B 143 6.88 16.10 17.34
C TYR B 143 7.01 14.63 16.97
N PRO B 144 6.02 13.80 17.26
CA PRO B 144 6.11 12.35 16.95
C PRO B 144 5.59 11.94 15.59
N GLY B 145 5.22 12.87 14.73
CA GLY B 145 4.54 12.52 13.49
C GLY B 145 3.04 12.65 13.63
N ALA B 146 2.37 12.40 12.51
CA ALA B 146 0.97 12.74 12.37
C ALA B 146 0.09 11.73 13.09
N ALA B 147 -1.02 12.22 13.62
CA ALA B 147 -1.87 11.40 14.43
C ALA B 147 -3.27 12.00 14.46
N HIS B 148 -3.66 12.54 15.61
CA HIS B 148 -4.86 13.34 15.68
C HIS B 148 -4.88 14.39 14.58
N SER B 149 -3.76 15.07 14.40
CA SER B 149 -3.56 16.07 13.36
C SER B 149 -2.13 15.94 12.88
N THR B 150 -1.81 16.53 11.73
CA THR B 150 -0.46 16.42 11.24
C THR B 150 0.54 17.22 12.06
N ASP B 151 0.09 18.22 12.81
CA ASP B 151 1.01 19.12 13.49
C ASP B 151 1.20 18.78 14.96
N ASN B 152 0.50 17.77 15.49
CA ASN B 152 0.31 17.68 16.94
C ASN B 152 1.62 17.39 17.67
N LEU B 153 1.84 18.14 18.76
CA LEU B 153 3.01 18.01 19.61
C LEU B 153 2.62 17.33 20.93
N VAL B 154 3.60 16.70 21.57
CA VAL B 154 3.50 16.31 22.96
C VAL B 154 4.62 17.01 23.73
N VAL B 155 4.54 16.92 25.06
CA VAL B 155 5.34 17.74 25.96
C VAL B 155 5.72 16.85 27.13
N TYR B 156 6.97 16.90 27.53
CA TYR B 156 7.46 16.07 28.62
C TYR B 156 8.08 16.98 29.68
N VAL B 157 7.78 16.70 30.93
CA VAL B 157 8.37 17.43 32.04
C VAL B 157 9.39 16.52 32.72
N PRO B 158 10.69 16.73 32.50
CA PRO B 158 11.66 15.72 33.00
C PRO B 158 11.81 15.69 34.51
N SER B 159 11.80 16.84 35.19
CA SER B 159 11.85 16.82 36.65
C SER B 159 10.83 15.86 37.26
N ALA B 160 9.75 15.52 36.55
CA ALA B 160 8.64 14.81 37.13
C ALA B 160 8.11 13.63 36.33
N SER B 161 8.66 13.33 35.15
CA SER B 161 8.18 12.21 34.35
C SER B 161 6.69 12.32 34.07
N VAL B 162 6.24 13.55 33.83
CA VAL B 162 4.91 13.80 33.31
C VAL B 162 5.01 13.92 31.79
N LEU B 163 4.24 13.13 31.06
CA LEU B 163 4.08 13.24 29.62
C LEU B 163 2.69 13.81 29.33
N TYR B 164 2.63 14.93 28.63
CA TYR B 164 1.36 15.46 28.16
C TYR B 164 1.18 15.05 26.70
N GLY B 165 0.17 14.22 26.43
CA GLY B 165 -0.04 13.68 25.11
C GLY B 165 -0.89 14.52 24.19
N GLY B 166 -1.68 15.46 24.76
CA GLY B 166 -2.59 16.19 23.93
C GLY B 166 -3.58 15.25 23.26
N CYS B 167 -4.22 15.75 22.18
CA CYS B 167 -5.34 15.02 21.60
C CYS B 167 -4.91 13.79 20.81
N ALA B 168 -3.61 13.51 20.75
CA ALA B 168 -3.08 12.25 20.22
C ALA B 168 -3.31 11.06 21.14
N ILE B 169 -3.61 11.29 22.41
CA ILE B 169 -3.74 10.23 23.40
C ILE B 169 -5.13 10.30 24.01
N TYR B 170 -5.81 9.14 24.09
CA TYR B 170 -7.15 9.01 24.62
C TYR B 170 -7.11 8.46 26.04
N GLU B 171 -8.22 8.67 26.78
CA GLU B 171 -8.40 8.11 28.12
C GLU B 171 -8.94 6.69 28.01
N LEU B 172 -8.56 5.84 28.97
CA LEU B 172 -9.05 4.45 28.99
C LEU B 172 -10.55 4.37 28.74
N SER B 173 -11.34 5.16 29.48
CA SER B 173 -12.80 5.03 29.37
C SER B 173 -13.31 5.17 27.94
N ARG B 174 -12.50 5.69 27.03
CA ARG B 174 -12.94 5.99 25.67
C ARG B 174 -12.71 4.79 24.77
N THR B 175 -13.73 4.48 23.97
CA THR B 175 -13.70 3.31 23.09
C THR B 175 -14.01 3.64 21.62
N SER B 176 -14.54 4.83 21.32
CA SER B 176 -14.66 5.33 19.95
C SER B 176 -13.80 6.58 19.80
N ALA B 177 -13.67 7.06 18.56
CA ALA B 177 -12.52 7.88 18.22
C ALA B 177 -12.82 9.21 17.55
N GLY B 178 -14.07 9.56 17.32
CA GLY B 178 -14.31 10.88 16.74
C GLY B 178 -13.57 11.90 17.59
N ASN B 179 -13.21 13.07 17.06
CA ASN B 179 -13.36 13.44 15.67
C ASN B 179 -11.99 13.32 15.00
N VAL B 180 -11.95 12.57 13.91
CA VAL B 180 -10.70 12.25 13.24
C VAL B 180 -10.61 12.98 11.89
N ALA B 181 -11.42 14.02 11.73
CA ALA B 181 -11.49 14.72 10.45
C ALA B 181 -10.11 15.14 9.97
N ASP B 182 -9.28 15.65 10.86
CA ASP B 182 -7.95 16.13 10.47
C ASP B 182 -6.86 15.11 10.68
N ALA B 183 -7.22 13.89 11.04
CA ALA B 183 -6.25 12.93 11.50
C ALA B 183 -5.58 12.20 10.33
N ASP B 184 -4.53 11.47 10.68
CA ASP B 184 -3.86 10.56 9.76
C ASP B 184 -3.89 9.21 10.44
N LEU B 185 -4.89 8.41 10.11
CA LEU B 185 -5.11 7.17 10.82
C LEU B 185 -4.03 6.14 10.53
N ALA B 186 -3.29 6.34 9.43
CA ALA B 186 -2.24 5.41 9.02
C ALA B 186 -0.94 5.70 9.76
N GLU B 187 -0.63 6.98 9.91
CA GLU B 187 0.56 7.38 10.63
C GLU B 187 0.39 7.22 12.14
N TRP B 188 -0.84 7.26 12.64
CA TRP B 188 -1.08 7.44 14.06
C TRP B 188 -0.41 6.36 14.88
N PRO B 189 -0.81 5.09 14.75
CA PRO B 189 -0.21 4.08 15.63
C PRO B 189 1.31 4.14 15.64
N THR B 190 1.93 4.48 14.52
CA THR B 190 3.39 4.56 14.48
C THR B 190 3.88 5.80 15.19
N SER B 191 3.09 6.88 15.16
CA SER B 191 3.43 8.06 15.92
C SER B 191 3.36 7.78 17.42
N ILE B 192 2.33 7.07 17.87
CA ILE B 192 2.21 6.72 19.29
C ILE B 192 3.43 5.92 19.73
N GLU B 193 4.00 5.12 18.84
CA GLU B 193 5.14 4.32 19.25
C GLU B 193 6.43 5.13 19.29
N ARG B 194 6.59 6.10 18.40
CA ARG B 194 7.70 7.05 18.56
C ARG B 194 7.66 7.68 19.95
N ILE B 195 6.46 7.91 20.50
CA ILE B 195 6.33 8.48 21.84
C ILE B 195 6.83 7.48 22.87
N GLN B 196 6.24 6.26 22.88
CA GLN B 196 6.66 5.21 23.81
C GLN B 196 8.16 5.03 23.77
N GLN B 197 8.75 5.06 22.58
CA GLN B 197 10.18 4.84 22.45
C GLN B 197 10.98 5.97 23.08
N HIS B 198 10.53 7.22 22.88
CA HIS B 198 11.31 8.36 23.38
C HIS B 198 11.10 8.61 24.88
N TYR B 199 9.94 8.25 25.43
CA TYR B 199 9.60 8.55 26.83
C TYR B 199 9.16 7.28 27.57
N PRO B 200 10.06 6.31 27.74
CA PRO B 200 9.65 5.06 28.43
C PRO B 200 9.63 5.17 29.96
N GLU B 201 10.28 6.18 30.54
CA GLU B 201 10.27 6.45 31.97
C GLU B 201 9.05 7.22 32.44
N ALA B 202 8.17 7.61 31.54
CA ALA B 202 7.08 8.49 31.93
C ALA B 202 6.22 7.82 32.99
N GLN B 203 6.01 8.53 34.11
CA GLN B 203 5.15 8.07 35.20
C GLN B 203 3.69 8.49 35.05
N PHE B 204 3.43 9.70 34.58
CA PHE B 204 2.06 10.19 34.39
C PHE B 204 1.87 10.55 32.93
N VAL B 205 0.77 10.10 32.35
CA VAL B 205 0.41 10.40 30.97
C VAL B 205 -0.93 11.10 31.00
N ILE B 206 -0.97 12.30 30.44
CA ILE B 206 -2.19 13.11 30.38
C ILE B 206 -2.70 13.12 28.94
N PRO B 207 -3.90 12.61 28.69
CA PRO B 207 -4.53 12.80 27.38
C PRO B 207 -5.12 14.21 27.26
N GLY B 208 -5.54 14.54 26.04
CA GLY B 208 -6.13 15.84 25.77
C GLY B 208 -7.52 16.00 26.33
N HIS B 209 -8.20 14.89 26.60
CA HIS B 209 -9.59 14.91 27.08
C HIS B 209 -9.80 13.73 28.02
N GLY B 210 -10.18 13.99 29.27
CA GLY B 210 -10.50 12.93 30.22
C GLY B 210 -9.42 12.66 31.24
N LEU B 211 -9.51 11.45 31.88
CA LEU B 211 -8.77 11.21 33.12
C LEU B 211 -7.32 10.84 32.83
N PRO B 212 -6.38 11.28 33.68
CA PRO B 212 -4.99 10.87 33.51
C PRO B 212 -4.79 9.38 33.77
N GLY B 213 -3.62 8.91 33.36
CA GLY B 213 -3.26 7.51 33.43
C GLY B 213 -1.76 7.37 33.33
N GLY B 214 -1.33 6.18 32.86
CA GLY B 214 0.07 5.92 32.57
C GLY B 214 0.31 5.49 31.13
N LEU B 215 1.46 4.88 30.86
CA LEU B 215 1.80 4.54 29.47
C LEU B 215 0.85 3.55 28.82
N ASP B 216 -0.02 2.89 29.59
CA ASP B 216 -1.05 2.05 29.00
C ASP B 216 -1.99 2.85 28.11
N LEU B 217 -2.13 4.15 28.36
CA LEU B 217 -2.96 4.95 27.49
C LEU B 217 -2.44 4.91 26.05
N LEU B 218 -1.13 4.74 25.86
CA LEU B 218 -0.58 4.67 24.52
C LEU B 218 -1.19 3.51 23.74
N LYS B 219 -0.91 2.28 24.19
CA LYS B 219 -1.46 1.10 23.52
C LYS B 219 -2.97 1.19 23.42
N HIS B 220 -3.64 1.62 24.50
CA HIS B 220 -5.09 1.75 24.47
C HIS B 220 -5.55 2.62 23.31
N THR B 221 -4.79 3.68 23.00
CA THR B 221 -5.17 4.62 21.96
C THR B 221 -5.03 3.96 20.59
N THR B 222 -3.84 3.47 20.29
CA THR B 222 -3.61 2.61 19.13
C THR B 222 -4.77 1.66 18.86
N ASN B 223 -5.11 0.83 19.84
CA ASN B 223 -6.26 -0.08 19.70
C ASN B 223 -7.48 0.66 19.18
N VAL B 224 -7.80 1.82 19.77
CA VAL B 224 -9.04 2.51 19.37
C VAL B 224 -8.89 3.06 17.96
N VAL B 225 -7.68 3.43 17.54
CA VAL B 225 -7.47 3.91 16.19
C VAL B 225 -7.63 2.78 15.18
N LYS B 226 -7.02 1.63 15.46
CA LYS B 226 -7.16 0.47 14.58
C LYS B 226 -8.60 -0.02 14.53
N ALA B 227 -9.34 0.09 15.63
CA ALA B 227 -10.74 -0.30 15.58
C ALA B 227 -11.52 0.52 14.55
N HIS B 228 -11.10 1.76 14.30
CA HIS B 228 -11.78 2.63 13.35
C HIS B 228 -11.29 2.42 11.92
N THR B 229 -9.98 2.37 11.74
CA THR B 229 -9.36 1.95 10.48
C THR B 229 -10.16 0.81 9.84
N ASN B 230 -10.08 -0.38 10.43
CA ASN B 230 -10.78 -1.55 9.90
C ASN B 230 -12.24 -1.23 9.55
N ARG B 231 -12.97 -0.61 10.47
CA ARG B 231 -14.31 -0.10 10.19
C ARG B 231 -14.81 0.78 11.34
ZN ZN C . -3.23 -19.97 -32.05
ZN ZN D . -4.55 -21.00 -28.65
C08 5Z2 E . -8.63 -22.45 -29.16
C10 5Z2 E . -9.79 -24.35 -28.06
C13 5Z2 E . -6.68 -26.86 -27.86
N01 5Z2 E . -7.67 -18.74 -28.14
C02 5Z2 E . -7.84 -20.11 -28.57
N03 5Z2 E . -6.88 -20.89 -29.00
C04 5Z2 E . -7.24 -22.16 -29.33
C05 5Z2 E . -6.19 -23.15 -29.81
O06 5Z2 E . -6.50 -24.21 -30.40
O07 5Z2 E . -4.97 -22.90 -29.57
C09 5Z2 E . -9.45 -23.73 -29.40
C11 5Z2 E . -8.85 -25.44 -27.53
C12 5Z2 E . -7.46 -25.58 -28.18
S14 5Z2 E . -9.29 -21.01 -28.57
C FMT F . 5.27 -2.97 -14.91
O1 FMT F . 6.22 -2.61 -15.68
O2 FMT F . 4.83 -4.16 -14.80
ZN ZN G . -7.75 18.55 17.90
ZN ZN H . -9.29 17.83 21.18
C08 5Z2 I . -13.36 16.30 20.63
C10 5Z2 I . -14.19 14.20 21.67
C13 5Z2 I . -11.37 11.66 22.09
N01 5Z2 I . -12.21 20.00 21.49
C02 5Z2 I . -12.47 18.62 21.15
N03 5Z2 I . -11.53 17.76 20.82
C04 5Z2 I . -11.95 16.51 20.53
C05 5Z2 I . -10.89 15.48 20.16
O06 5Z2 I . -11.18 14.46 19.48
O07 5Z2 I . -9.70 15.69 20.55
C09 5Z2 I . -14.24 15.07 20.42
C11 5Z2 I . -12.77 13.65 21.82
C12 5Z2 I . -12.51 12.45 22.71
S14 5Z2 I . -13.97 17.79 21.08
#